data_1WT6
#
_entry.id   1WT6
#
_cell.length_a   39.083
_cell.length_b   46.164
_cell.length_c   143.377
_cell.angle_alpha   90.00
_cell.angle_beta   90.00
_cell.angle_gamma   90.00
#
_symmetry.space_group_name_H-M   'P 21 21 21'
#
loop_
_entity.id
_entity.type
_entity.pdbx_description
1 polymer 'Myotonin-protein kinase'
2 water water
#
_entity_poly.entity_id   1
_entity_poly.type   'polypeptide(L)'
_entity_poly.pdbx_seq_one_letter_code
;GAMAEAEAEVTLRELQEALEEEVLTRQSLSREMEAIRTDNQNFASQLREAEARNRDLEAHVRQLQERMELLQAEGATAVT
G
;
_entity_poly.pdbx_strand_id   A,B,D
#
# COMPACT_ATOMS: atom_id res chain seq x y z
N GLU A 9 37.06 22.27 11.20
CA GLU A 9 35.94 22.99 10.55
C GLU A 9 35.67 22.38 9.18
N VAL A 10 34.40 22.26 8.83
CA VAL A 10 34.03 21.74 7.51
C VAL A 10 34.57 22.71 6.44
N THR A 11 34.93 22.19 5.26
CA THR A 11 35.32 23.04 4.13
C THR A 11 34.24 23.11 3.06
N LEU A 12 34.39 24.06 2.14
CA LEU A 12 33.46 24.16 0.99
C LEU A 12 33.26 22.82 0.31
N ARG A 13 34.36 22.19 -0.08
CA ARG A 13 34.24 20.94 -0.81
C ARG A 13 33.61 19.86 0.05
N GLU A 14 33.91 19.79 1.34
CA GLU A 14 33.32 18.75 2.19
C GLU A 14 31.79 18.93 2.29
N LEU A 15 31.37 20.20 2.34
CA LEU A 15 29.92 20.51 2.43
C LEU A 15 29.28 20.13 1.11
N GLN A 16 29.95 20.48 0.03
CA GLN A 16 29.48 20.15 -1.31
C GLN A 16 29.28 18.62 -1.45
N GLU A 17 30.27 17.85 -0.99
CA GLU A 17 30.16 16.39 -1.09
C GLU A 17 29.03 15.85 -0.24
N ALA A 18 28.87 16.38 0.95
CA ALA A 18 27.81 15.92 1.83
C ALA A 18 26.46 16.27 1.23
N LEU A 19 26.36 17.43 0.59
CA LEU A 19 25.07 17.81 -0.02
C LEU A 19 24.77 16.87 -1.19
N GLU A 20 25.77 16.62 -2.06
CA GLU A 20 25.55 15.75 -3.21
C GLU A 20 25.17 14.36 -2.77
N GLU A 21 25.67 13.88 -1.63
CA GLU A 21 25.31 12.55 -1.18
C GLU A 21 23.89 12.49 -0.61
N GLU A 22 23.50 13.56 0.08
CA GLU A 22 22.12 13.68 0.55
C GLU A 22 21.19 13.70 -0.63
N VAL A 23 21.47 14.49 -1.65
CA VAL A 23 20.67 14.54 -2.90
C VAL A 23 20.56 13.15 -3.56
N LEU A 24 21.68 12.43 -3.67
CA LEU A 24 21.60 11.02 -4.13
C LEU A 24 20.65 10.14 -3.30
N THR A 25 20.77 10.16 -1.96
CA THR A 25 19.94 9.32 -1.11
C THR A 25 18.49 9.72 -1.36
N ARG A 26 18.22 11.02 -1.43
CA ARG A 26 16.79 11.43 -1.51
C ARG A 26 16.24 11.05 -2.89
N GLN A 27 17.07 11.21 -3.91
CA GLN A 27 16.71 10.79 -5.29
C GLN A 27 16.36 9.26 -5.36
N SER A 28 17.05 8.46 -4.56
CA SER A 28 16.76 7.02 -4.51
C SER A 28 15.34 6.79 -3.92
N LEU A 29 15.03 7.57 -2.88
CA LEU A 29 13.70 7.56 -2.24
C LEU A 29 12.64 7.99 -3.22
N SER A 30 12.91 9.06 -3.98
CA SER A 30 11.94 9.51 -4.96
C SER A 30 11.61 8.43 -5.98
N ARG A 31 12.64 7.73 -6.48
CA ARG A 31 12.45 6.60 -7.40
C ARG A 31 11.64 5.47 -6.72
N GLU A 32 11.92 5.17 -5.46
CA GLU A 32 11.13 4.12 -4.78
C GLU A 32 9.65 4.49 -4.71
N MET A 33 9.40 5.78 -4.55
CA MET A 33 8.04 6.24 -4.41
C MET A 33 7.29 5.95 -5.70
N GLU A 34 7.98 5.95 -6.84
CA GLU A 34 7.34 5.56 -8.11
C GLU A 34 6.84 4.10 -8.11
N ALA A 35 7.60 3.20 -7.48
CA ALA A 35 7.26 1.79 -7.43
C ALA A 35 6.08 1.60 -6.47
N ILE A 36 6.07 2.37 -5.39
CA ILE A 36 4.96 2.34 -4.48
C ILE A 36 3.64 2.77 -5.17
N ARG A 37 3.66 3.89 -5.86
CA ARG A 37 2.42 4.34 -6.51
C ARG A 37 1.92 3.27 -7.49
N THR A 38 2.84 2.66 -8.24
CA THR A 38 2.51 1.57 -9.17
C THR A 38 1.76 0.48 -8.49
N ASP A 39 2.38 -0.03 -7.42
CA ASP A 39 1.78 -1.07 -6.65
C ASP A 39 0.40 -0.62 -6.19
N ASN A 40 0.31 0.59 -5.63
CA ASN A 40 -1.01 1.00 -5.06
C ASN A 40 -2.14 0.99 -6.11
N GLN A 41 -1.83 1.44 -7.31
CA GLN A 41 -2.82 1.43 -8.34
C GLN A 41 -3.25 0.00 -8.71
N ASN A 42 -2.26 -0.87 -8.84
CA ASN A 42 -2.52 -2.31 -9.12
C ASN A 42 -3.30 -2.99 -7.99
N PHE A 43 -2.99 -2.64 -6.75
CA PHE A 43 -3.67 -3.33 -5.66
C PHE A 43 -5.14 -2.88 -5.63
N ALA A 44 -5.36 -1.59 -5.91
CA ALA A 44 -6.76 -1.09 -5.95
C ALA A 44 -7.57 -1.89 -6.99
N SER A 45 -7.02 -2.03 -8.19
CA SER A 45 -7.66 -2.82 -9.21
C SER A 45 -7.90 -4.27 -8.82
N GLN A 46 -6.88 -4.89 -8.21
CA GLN A 46 -7.03 -6.26 -7.71
C GLN A 46 -8.15 -6.39 -6.66
N LEU A 47 -8.26 -5.39 -5.76
CA LEU A 47 -9.29 -5.39 -4.70
C LEU A 47 -10.66 -5.27 -5.35
N ARG A 48 -10.76 -4.45 -6.43
CA ARG A 48 -12.08 -4.29 -7.08
C ARG A 48 -12.47 -5.62 -7.75
N GLU A 49 -11.47 -6.29 -8.36
CA GLU A 49 -11.76 -7.60 -8.90
C GLU A 49 -12.24 -8.60 -7.92
N ALA A 50 -11.57 -8.63 -6.75
CA ALA A 50 -12.02 -9.51 -5.69
C ALA A 50 -13.42 -9.20 -5.13
N GLU A 51 -13.74 -7.90 -4.98
CA GLU A 51 -14.98 -7.49 -4.56
C GLU A 51 -16.03 -7.99 -5.55
N ALA A 52 -15.79 -7.83 -6.86
CA ALA A 52 -16.73 -8.33 -7.71
C ALA A 52 -16.93 -9.88 -7.77
N ARG A 53 -15.83 -10.62 -7.71
CA ARG A 53 -15.97 -12.06 -7.68
C ARG A 53 -16.77 -12.47 -6.40
N ASN A 54 -16.59 -11.80 -5.28
CA ASN A 54 -17.34 -12.15 -4.10
C ASN A 54 -18.82 -11.78 -4.27
N ARG A 55 -19.11 -10.60 -4.87
CA ARG A 55 -20.50 -10.19 -5.11
C ARG A 55 -21.21 -11.25 -6.02
N ASP A 56 -20.48 -11.78 -7.00
CA ASP A 56 -20.98 -12.80 -7.88
C ASP A 56 -21.32 -14.09 -7.16
N LEU A 57 -20.35 -14.51 -6.37
CA LEU A 57 -20.55 -15.71 -5.53
C LEU A 57 -21.75 -15.56 -4.55
N GLU A 58 -21.89 -14.38 -3.90
CA GLU A 58 -23.08 -14.04 -3.05
C GLU A 58 -24.38 -14.30 -3.74
N ALA A 59 -24.43 -13.84 -5.00
CA ALA A 59 -25.63 -14.05 -5.78
C ALA A 59 -25.92 -15.52 -6.07
N HIS A 60 -24.89 -16.28 -6.41
CA HIS A 60 -25.09 -17.75 -6.60
C HIS A 60 -25.58 -18.47 -5.34
N VAL A 61 -25.03 -18.07 -4.20
CA VAL A 61 -25.40 -18.67 -2.94
C VAL A 61 -26.87 -18.30 -2.63
N ARG A 62 -27.22 -17.03 -2.84
CA ARG A 62 -28.62 -16.57 -2.66
C ARG A 62 -29.58 -17.40 -3.52
N GLN A 63 -29.18 -17.65 -4.76
CA GLN A 63 -30.01 -18.46 -5.68
C GLN A 63 -30.15 -19.92 -5.20
N LEU A 64 -29.06 -20.51 -4.73
CA LEU A 64 -29.11 -21.83 -4.10
C LEU A 64 -30.04 -21.85 -2.89
N GLN A 65 -30.01 -20.82 -2.05
CA GLN A 65 -30.94 -20.77 -0.89
C GLN A 65 -32.38 -20.76 -1.40
N GLU A 66 -32.63 -19.97 -2.43
CA GLU A 66 -34.01 -19.90 -3.03
C GLU A 66 -34.47 -21.23 -3.65
N ARG A 67 -33.59 -21.87 -4.42
CA ARG A 67 -33.86 -23.23 -4.93
C ARG A 67 -34.18 -24.21 -3.80
N MET A 68 -33.43 -24.15 -2.71
CA MET A 68 -33.69 -25.04 -1.58
C MET A 68 -35.04 -24.78 -0.94
N GLU A 69 -35.39 -23.51 -0.73
CA GLU A 69 -36.76 -23.15 -0.31
C GLU A 69 -37.85 -23.78 -1.22
N LEU A 70 -37.65 -23.69 -2.54
CA LEU A 70 -38.63 -24.23 -3.50
C LEU A 70 -38.72 -25.76 -3.41
N LEU A 71 -37.58 -26.40 -3.26
CA LEU A 71 -37.54 -27.84 -3.17
C LEU A 71 -38.14 -28.33 -1.85
N GLN A 72 -37.89 -27.60 -0.76
CA GLN A 72 -38.47 -27.97 0.53
C GLN A 72 -39.98 -27.82 0.48
N ALA A 73 -40.45 -26.86 -0.31
CA ALA A 73 -41.88 -26.53 -0.38
C ALA A 73 -42.67 -27.50 -1.23
N GLU B 5 36.66 34.86 13.65
CA GLU B 5 35.89 34.24 12.51
C GLU B 5 36.01 35.02 11.18
N ALA B 6 34.85 35.43 10.66
CA ALA B 6 34.64 36.04 9.34
C ALA B 6 33.21 35.66 8.99
N GLU B 7 32.49 36.58 8.34
CA GLU B 7 31.11 36.32 7.96
C GLU B 7 31.00 35.07 7.08
N ALA B 8 32.00 34.82 6.23
CA ALA B 8 31.98 33.68 5.31
C ALA B 8 32.07 32.34 6.04
N GLU B 9 32.87 32.31 7.11
CA GLU B 9 33.03 31.11 7.94
C GLU B 9 31.74 30.82 8.69
N VAL B 10 31.08 31.87 9.17
CA VAL B 10 29.80 31.72 9.85
C VAL B 10 28.77 31.10 8.92
N THR B 11 28.65 31.67 7.72
CA THR B 11 27.66 31.21 6.78
C THR B 11 27.94 29.73 6.46
N LEU B 12 29.20 29.38 6.17
CA LEU B 12 29.58 27.98 5.91
C LEU B 12 29.13 27.00 7.04
N ARG B 13 29.42 27.35 8.30
CA ARG B 13 29.05 26.49 9.43
C ARG B 13 27.52 26.41 9.63
N GLU B 14 26.84 27.52 9.41
CA GLU B 14 25.37 27.51 9.46
C GLU B 14 24.78 26.68 8.32
N LEU B 15 25.46 26.69 7.18
CA LEU B 15 25.03 25.86 6.07
C LEU B 15 25.17 24.40 6.43
N GLN B 16 26.25 24.07 7.14
CA GLN B 16 26.44 22.67 7.53
C GLN B 16 25.33 22.23 8.47
N GLU B 17 24.97 23.11 9.39
CA GLU B 17 23.92 22.80 10.38
C GLU B 17 22.58 22.67 9.67
N ALA B 18 22.34 23.49 8.66
CA ALA B 18 21.05 23.40 7.95
C ALA B 18 21.03 22.08 7.22
N LEU B 19 22.18 21.67 6.67
CA LEU B 19 22.18 20.42 5.91
C LEU B 19 21.92 19.24 6.84
N GLU B 20 22.54 19.25 8.00
CA GLU B 20 22.37 18.21 9.01
C GLU B 20 20.89 18.09 9.44
N GLU B 21 20.21 19.22 9.61
CA GLU B 21 18.76 19.19 9.91
C GLU B 21 17.96 18.54 8.79
N GLU B 22 18.28 18.89 7.55
CA GLU B 22 17.63 18.29 6.38
C GLU B 22 17.85 16.79 6.31
N VAL B 23 19.06 16.35 6.61
CA VAL B 23 19.33 14.91 6.64
C VAL B 23 18.46 14.25 7.68
N LEU B 24 18.35 14.81 8.87
CA LEU B 24 17.54 14.15 9.91
C LEU B 24 16.09 14.03 9.45
N THR B 25 15.58 15.11 8.87
CA THR B 25 14.21 15.13 8.36
C THR B 25 14.02 14.10 7.24
N ARG B 26 14.93 14.05 6.26
CA ARG B 26 14.85 12.99 5.21
C ARG B 26 14.94 11.56 5.78
N GLN B 27 15.77 11.39 6.80
CA GLN B 27 15.93 10.08 7.46
C GLN B 27 14.59 9.59 8.04
N SER B 28 13.85 10.49 8.64
CA SER B 28 12.50 10.17 9.12
C SER B 28 11.59 9.79 7.94
N LEU B 29 11.75 10.46 6.81
CA LEU B 29 10.95 10.12 5.62
C LEU B 29 11.30 8.73 5.14
N SER B 30 12.58 8.38 5.22
CA SER B 30 13.08 7.09 4.79
C SER B 30 12.39 5.98 5.61
N ARG B 31 12.28 6.19 6.93
CA ARG B 31 11.61 5.21 7.81
C ARG B 31 10.13 5.06 7.50
N GLU B 32 9.46 6.20 7.27
CA GLU B 32 8.06 6.24 6.85
C GLU B 32 7.80 5.48 5.55
N MET B 33 8.65 5.70 4.55
CA MET B 33 8.44 5.01 3.29
C MET B 33 8.73 3.50 3.45
N GLU B 34 9.74 3.16 4.25
CA GLU B 34 9.96 1.75 4.60
C GLU B 34 8.75 1.01 5.20
N ALA B 35 7.98 1.69 6.06
CA ALA B 35 6.76 1.09 6.63
C ALA B 35 5.79 0.89 5.47
N ILE B 36 5.74 1.89 4.61
CA ILE B 36 4.87 1.82 3.45
C ILE B 36 5.28 0.61 2.60
N ARG B 37 6.56 0.40 2.35
CA ARG B 37 6.94 -0.80 1.56
C ARG B 37 6.63 -2.15 2.20
N THR B 38 6.80 -2.25 3.53
CA THR B 38 6.35 -3.44 4.26
C THR B 38 4.83 -3.63 4.15
N ASP B 39 4.07 -2.56 4.39
CA ASP B 39 2.61 -2.64 4.31
C ASP B 39 2.22 -3.17 2.94
N ASN B 40 2.85 -2.63 1.91
CA ASN B 40 2.62 -3.12 0.54
C ASN B 40 2.96 -4.58 0.23
N GLN B 41 4.15 -5.04 0.64
CA GLN B 41 4.44 -6.48 0.61
C GLN B 41 3.29 -7.30 1.24
N ASN B 42 2.81 -6.84 2.40
CA ASN B 42 1.70 -7.53 3.07
C ASN B 42 0.41 -7.51 2.24
N PHE B 43 0.10 -6.35 1.67
CA PHE B 43 -1.09 -6.27 0.85
C PHE B 43 -1.02 -7.32 -0.26
N ALA B 44 0.13 -7.42 -0.93
CA ALA B 44 0.29 -8.39 -2.04
C ALA B 44 -0.05 -9.84 -1.58
N SER B 45 0.49 -10.24 -0.45
CA SER B 45 0.23 -11.57 0.11
C SER B 45 -1.24 -11.75 0.53
N GLN B 46 -1.81 -10.72 1.16
CA GLN B 46 -3.20 -10.80 1.62
C GLN B 46 -4.15 -10.92 0.44
N LEU B 47 -3.91 -10.15 -0.63
CA LEU B 47 -4.73 -10.27 -1.81
C LEU B 47 -4.63 -11.67 -2.44
N ARG B 48 -3.41 -12.20 -2.52
CA ARG B 48 -3.26 -13.56 -3.07
C ARG B 48 -4.08 -14.57 -2.24
N GLU B 49 -3.95 -14.45 -0.93
CA GLU B 49 -4.60 -15.42 -0.08
C GLU B 49 -6.12 -15.30 -0.22
N ALA B 50 -6.60 -14.05 -0.33
CA ALA B 50 -8.07 -13.82 -0.43
C ALA B 50 -8.59 -14.40 -1.73
N GLU B 51 -7.80 -14.20 -2.79
CA GLU B 51 -8.12 -14.75 -4.10
C GLU B 51 -8.24 -16.29 -4.04
N ALA B 52 -7.29 -16.94 -3.35
CA ALA B 52 -7.36 -18.41 -3.25
C ALA B 52 -8.56 -18.86 -2.45
N ARG B 53 -8.86 -18.14 -1.33
CA ARG B 53 -10.01 -18.48 -0.51
C ARG B 53 -11.30 -18.35 -1.31
N ASN B 54 -11.39 -17.35 -2.20
CA ASN B 54 -12.60 -17.24 -2.96
C ASN B 54 -12.65 -18.37 -4.00
N ARG B 55 -11.49 -18.76 -4.58
CA ARG B 55 -11.58 -19.85 -5.56
C ARG B 55 -12.00 -21.15 -4.85
N ASP B 56 -11.55 -21.33 -3.61
CA ASP B 56 -11.99 -22.51 -2.88
C ASP B 56 -13.52 -22.51 -2.69
N LEU B 57 -14.06 -21.34 -2.30
CA LEU B 57 -15.50 -21.25 -2.06
C LEU B 57 -16.30 -21.38 -3.37
N GLU B 58 -15.80 -20.81 -4.45
CA GLU B 58 -16.40 -21.00 -5.76
C GLU B 58 -16.54 -22.49 -6.12
N ALA B 59 -15.45 -23.25 -5.89
CA ALA B 59 -15.47 -24.69 -6.18
C ALA B 59 -16.52 -25.39 -5.33
N HIS B 60 -16.62 -25.01 -4.05
CA HIS B 60 -17.58 -25.66 -3.17
C HIS B 60 -19.00 -25.38 -3.60
N VAL B 61 -19.25 -24.14 -4.03
CA VAL B 61 -20.57 -23.71 -4.46
C VAL B 61 -20.94 -24.42 -5.76
N ARG B 62 -19.98 -24.60 -6.68
CA ARG B 62 -20.24 -25.38 -7.91
C ARG B 62 -20.70 -26.78 -7.54
N GLN B 63 -20.01 -27.42 -6.62
CA GLN B 63 -20.41 -28.76 -6.15
C GLN B 63 -21.83 -28.80 -5.60
N LEU B 64 -22.20 -27.77 -4.81
CA LEU B 64 -23.55 -27.69 -4.26
C LEU B 64 -24.59 -27.44 -5.33
N GLN B 65 -24.25 -26.64 -6.33
CA GLN B 65 -25.19 -26.37 -7.47
C GLN B 65 -25.49 -27.66 -8.25
N GLU B 66 -24.44 -28.46 -8.43
CA GLU B 66 -24.52 -29.74 -9.13
C GLU B 66 -25.32 -30.75 -8.31
N ARG B 67 -25.08 -30.77 -7.01
CA ARG B 67 -25.76 -31.66 -6.09
C ARG B 67 -27.22 -31.29 -5.97
N MET B 68 -27.50 -29.99 -6.07
CA MET B 68 -28.86 -29.46 -6.01
C MET B 68 -29.70 -29.94 -7.21
N GLU B 69 -29.10 -29.92 -8.39
CA GLU B 69 -29.80 -30.34 -9.62
C GLU B 69 -30.15 -31.81 -9.55
N LEU B 70 -29.20 -32.60 -9.01
CA LEU B 70 -29.30 -34.05 -8.97
C LEU B 70 -30.39 -34.45 -8.01
N LEU B 71 -30.46 -33.76 -6.89
CA LEU B 71 -31.51 -34.01 -5.97
C LEU B 71 -32.74 -33.18 -6.35
N GLU C 9 33.16 28.49 -10.49
CA GLU C 9 33.39 27.47 -9.42
C GLU C 9 32.41 27.59 -8.25
N VAL C 10 32.35 26.56 -7.42
CA VAL C 10 31.37 26.50 -6.33
C VAL C 10 31.55 27.62 -5.31
N THR C 11 30.47 28.34 -5.07
CA THR C 11 30.45 29.38 -4.09
C THR C 11 29.55 28.95 -2.91
N LEU C 12 29.69 29.65 -1.80
CA LEU C 12 28.83 29.43 -0.67
C LEU C 12 27.38 29.73 -1.11
N ARG C 13 27.24 30.77 -1.96
CA ARG C 13 25.92 31.13 -2.49
C ARG C 13 25.23 30.00 -3.26
N GLU C 14 25.98 29.38 -4.15
CA GLU C 14 25.48 28.27 -4.94
C GLU C 14 25.13 27.08 -4.03
N LEU C 15 25.91 26.85 -2.97
CA LEU C 15 25.59 25.71 -2.07
C LEU C 15 24.29 26.01 -1.31
N GLN C 16 24.07 27.27 -0.91
CA GLN C 16 22.88 27.67 -0.09
C GLN C 16 21.68 27.44 -0.97
N GLU C 17 21.80 27.87 -2.21
CA GLU C 17 20.69 27.70 -3.18
C GLU C 17 20.43 26.23 -3.50
N ALA C 18 21.51 25.45 -3.61
CA ALA C 18 21.36 24.05 -3.92
C ALA C 18 20.66 23.34 -2.72
N LEU C 19 20.99 23.74 -1.50
CA LEU C 19 20.29 23.13 -0.36
C LEU C 19 18.83 23.55 -0.36
N GLU C 20 18.56 24.84 -0.62
CA GLU C 20 17.15 25.23 -0.68
C GLU C 20 16.35 24.43 -1.70
N GLU C 21 16.95 24.16 -2.89
CA GLU C 21 16.25 23.40 -3.92
C GLU C 21 16.00 21.97 -3.45
N GLU C 22 16.99 21.37 -2.80
CA GLU C 22 16.85 20.00 -2.28
C GLU C 22 15.76 19.93 -1.18
N VAL C 23 15.73 20.90 -0.25
CA VAL C 23 14.66 21.04 0.73
C VAL C 23 13.28 21.07 0.06
N LEU C 24 13.13 21.88 -1.02
CA LEU C 24 11.82 21.97 -1.74
C LEU C 24 11.41 20.57 -2.27
N THR C 25 12.39 19.92 -2.88
CA THR C 25 12.08 18.61 -3.45
C THR C 25 11.71 17.58 -2.44
N ARG C 26 12.48 17.59 -1.37
CA ARG C 26 12.22 16.65 -0.27
C ARG C 26 10.88 16.95 0.44
N GLN C 27 10.55 18.21 0.60
CA GLN C 27 9.21 18.58 1.15
C GLN C 27 8.04 18.06 0.28
N SER C 28 8.21 18.14 -1.06
CA SER C 28 7.20 17.66 -1.97
C SER C 28 7.03 16.12 -1.87
N LEU C 29 8.14 15.44 -1.77
CA LEU C 29 8.14 13.99 -1.46
C LEU C 29 7.45 13.62 -0.16
N SER C 30 7.64 14.43 0.90
CA SER C 30 7.01 14.19 2.21
C SER C 30 5.51 14.30 2.08
N ARG C 31 5.04 15.24 1.28
CA ARG C 31 3.59 15.38 1.05
C ARG C 31 3.03 14.13 0.39
N GLU C 32 3.75 13.64 -0.60
CA GLU C 32 3.28 12.46 -1.35
C GLU C 32 3.23 11.29 -0.38
N MET C 33 4.25 11.14 0.46
CA MET C 33 4.27 10.02 1.41
C MET C 33 3.04 10.10 2.34
N GLU C 34 2.78 11.31 2.86
CA GLU C 34 1.60 11.55 3.71
C GLU C 34 0.28 11.10 3.07
N ALA C 35 0.14 11.40 1.77
CA ALA C 35 -1.06 11.11 1.00
C ALA C 35 -1.18 9.59 0.88
N ILE C 36 -0.06 8.93 0.57
CA ILE C 36 -0.03 7.46 0.49
C ILE C 36 -0.25 6.77 1.82
N ARG C 37 0.34 7.26 2.91
CA ARG C 37 0.10 6.64 4.23
C ARG C 37 -1.44 6.61 4.46
N THR C 38 -2.10 7.75 4.25
CA THR C 38 -3.56 7.83 4.45
C THR C 38 -4.25 6.84 3.53
N ASP C 39 -3.95 6.95 2.23
CA ASP C 39 -4.47 6.00 1.23
C ASP C 39 -4.33 4.52 1.65
N ASN C 40 -3.13 4.13 2.06
CA ASN C 40 -2.86 2.72 2.38
C ASN C 40 -3.76 2.31 3.52
N GLN C 41 -4.02 3.24 4.44
CA GLN C 41 -4.91 2.89 5.58
C GLN C 41 -6.35 2.62 5.15
N ASN C 42 -6.86 3.48 4.28
CA ASN C 42 -8.18 3.31 3.73
C ASN C 42 -8.22 2.05 2.90
N PHE C 43 -7.21 1.80 2.11
CA PHE C 43 -7.13 0.53 1.43
C PHE C 43 -7.16 -0.76 2.33
N ALA C 44 -6.29 -0.80 3.34
CA ALA C 44 -6.28 -1.94 4.25
C ALA C 44 -7.68 -2.14 4.86
N SER C 45 -8.39 -1.07 5.17
CA SER C 45 -9.75 -1.14 5.76
C SER C 45 -10.66 -1.79 4.70
N GLN C 46 -10.56 -1.39 3.43
CA GLN C 46 -11.35 -2.04 2.41
C GLN C 46 -11.02 -3.52 2.22
N LEU C 47 -9.76 -3.88 2.30
CA LEU C 47 -9.35 -5.23 2.20
C LEU C 47 -9.94 -6.12 3.35
N ARG C 48 -9.88 -5.57 4.56
CA ARG C 48 -10.45 -6.31 5.74
C ARG C 48 -11.98 -6.50 5.55
N GLU C 49 -12.66 -5.46 5.02
CA GLU C 49 -14.09 -5.64 4.73
C GLU C 49 -14.36 -6.78 3.73
N ALA C 50 -13.56 -6.85 2.65
CA ALA C 50 -13.66 -7.98 1.77
C ALA C 50 -13.38 -9.35 2.37
N GLU C 51 -12.40 -9.43 3.28
CA GLU C 51 -12.09 -10.65 3.99
C GLU C 51 -13.34 -11.02 4.84
N ALA C 52 -13.95 -10.01 5.45
CA ALA C 52 -15.08 -10.28 6.35
C ALA C 52 -16.26 -10.81 5.55
N ARG C 53 -16.48 -10.23 4.36
CA ARG C 53 -17.62 -10.68 3.56
C ARG C 53 -17.42 -12.13 3.09
N ASN C 54 -16.17 -12.46 2.69
CA ASN C 54 -15.90 -13.83 2.29
C ASN C 54 -16.12 -14.80 3.51
N ARG C 55 -15.71 -14.41 4.73
CA ARG C 55 -15.93 -15.28 5.92
C ARG C 55 -17.43 -15.47 6.20
N ASP C 56 -18.21 -14.44 6.02
CA ASP C 56 -19.66 -14.53 6.15
C ASP C 56 -20.27 -15.50 5.09
N LEU C 57 -19.87 -15.32 3.83
CA LEU C 57 -20.30 -16.21 2.76
C LEU C 57 -19.90 -17.69 3.04
N GLU C 58 -18.70 -17.91 3.58
CA GLU C 58 -18.28 -19.29 3.90
C GLU C 58 -19.26 -19.93 4.90
N ALA C 59 -19.66 -19.12 5.88
CA ALA C 59 -20.64 -19.58 6.89
C ALA C 59 -22.00 -19.96 6.25
N HIS C 60 -22.46 -19.14 5.30
CA HIS C 60 -23.69 -19.43 4.62
C HIS C 60 -23.62 -20.69 3.75
N VAL C 61 -22.47 -20.89 3.10
CA VAL C 61 -22.23 -22.09 2.31
C VAL C 61 -22.28 -23.33 3.16
N ARG C 62 -21.63 -23.26 4.32
CA ARG C 62 -21.72 -24.38 5.28
C ARG C 62 -23.14 -24.71 5.68
N GLN C 63 -23.93 -23.70 5.99
CA GLN C 63 -25.33 -23.95 6.35
C GLN C 63 -26.10 -24.60 5.18
N LEU C 64 -25.85 -24.16 3.96
CA LEU C 64 -26.49 -24.80 2.78
C LEU C 64 -26.07 -26.25 2.65
N GLN C 65 -24.78 -26.52 2.84
CA GLN C 65 -24.27 -27.88 2.68
C GLN C 65 -24.99 -28.78 3.69
N GLU C 66 -25.16 -28.26 4.89
CA GLU C 66 -25.75 -29.07 5.98
C GLU C 66 -27.22 -29.32 5.73
N ARG C 67 -27.92 -28.29 5.22
CA ARG C 67 -29.35 -28.41 4.90
C ARG C 67 -29.52 -29.38 3.74
N MET C 68 -28.60 -29.32 2.77
CA MET C 68 -28.70 -30.19 1.63
C MET C 68 -28.52 -31.67 2.02
N GLU C 69 -27.66 -31.92 2.99
CA GLU C 69 -27.42 -33.29 3.49
C GLU C 69 -28.59 -33.84 4.30
N LEU C 70 -29.38 -32.97 4.94
CA LEU C 70 -30.60 -33.40 5.61
C LEU C 70 -31.61 -33.96 4.61
N LEU C 71 -31.60 -33.45 3.38
CA LEU C 71 -32.31 -34.08 2.27
C LEU C 71 -31.36 -34.45 1.12
#